data_6KRA
#
_entry.id   6KRA
#
_entity_poly.entity_id   1
_entity_poly.type   'polypeptide(L)'
_entity_poly.pdbx_seq_one_letter_code
;RRTCRCRFGRCFRRESYSGSCNINGRIFSLCCR
;
_entity_poly.pdbx_strand_id   A
#
# COMPACT_ATOMS: atom_id res chain seq x y z
N ARG A 1 -9.09 -8.35 -1.94
CA ARG A 1 -9.40 -6.90 -1.80
C ARG A 1 -10.17 -6.68 -0.50
N ARG A 2 -9.66 -7.27 0.57
CA ARG A 2 -10.31 -7.24 1.87
C ARG A 2 -9.98 -5.95 2.62
N THR A 3 -8.75 -5.47 2.48
CA THR A 3 -8.35 -4.24 3.14
C THR A 3 -7.22 -3.56 2.37
N CYS A 4 -7.46 -2.33 1.96
CA CYS A 4 -6.43 -1.57 1.27
C CYS A 4 -5.77 -0.63 2.26
N ARG A 5 -4.44 -0.49 2.20
CA ARG A 5 -3.74 0.41 3.10
C ARG A 5 -2.33 0.73 2.61
N CYS A 6 -1.87 1.92 2.99
CA CYS A 6 -0.51 2.34 2.72
C CYS A 6 0.45 1.72 3.72
N ARG A 7 1.45 0.98 3.22
CA ARG A 7 2.41 0.34 4.11
C ARG A 7 3.84 0.67 3.72
N PHE A 8 4.72 0.72 4.73
CA PHE A 8 6.12 1.04 4.51
C PHE A 8 6.84 -0.19 3.95
N GLY A 9 7.55 0.02 2.85
CA GLY A 9 8.22 -1.08 2.18
C GLY A 9 7.40 -1.60 1.03
N ARG A 10 7.70 -2.81 0.59
CA ARG A 10 6.93 -3.43 -0.48
C ARG A 10 5.78 -4.25 0.09
N CYS A 11 4.86 -4.64 -0.76
CA CYS A 11 3.66 -5.33 -0.31
C CYS A 11 3.77 -6.83 -0.54
N PHE A 12 2.73 -7.56 -0.19
CA PHE A 12 2.65 -8.98 -0.43
C PHE A 12 2.14 -9.20 -1.86
N ARG A 13 2.54 -10.31 -2.49
CA ARG A 13 2.21 -10.55 -3.89
C ARG A 13 0.69 -10.56 -4.14
N ARG A 14 -0.08 -10.96 -3.14
CA ARG A 14 -1.53 -11.05 -3.28
C ARG A 14 -2.20 -9.70 -3.03
N GLU A 15 -1.44 -8.74 -2.55
CA GLU A 15 -1.97 -7.40 -2.30
C GLU A 15 -1.90 -6.58 -3.58
N SER A 16 -3.06 -6.15 -4.07
CA SER A 16 -3.14 -5.38 -5.29
C SER A 16 -2.69 -3.93 -5.05
N TYR A 17 -1.66 -3.51 -5.78
CA TYR A 17 -1.16 -2.14 -5.64
C TYR A 17 -2.21 -1.16 -6.13
N SER A 18 -2.82 -0.45 -5.20
CA SER A 18 -3.90 0.47 -5.50
C SER A 18 -3.36 1.82 -5.96
N GLY A 19 -2.34 2.31 -5.26
CA GLY A 19 -1.79 3.61 -5.57
C GLY A 19 -0.64 3.98 -4.66
N SER A 20 -0.42 5.27 -4.49
CA SER A 20 0.69 5.76 -3.71
C SER A 20 0.22 6.63 -2.55
N CYS A 21 0.68 6.30 -1.35
CA CYS A 21 0.35 7.08 -0.16
C CYS A 21 1.56 7.86 0.33
N ASN A 22 1.41 9.15 0.54
CA ASN A 22 2.51 9.97 1.04
C ASN A 22 2.10 10.66 2.34
N ILE A 23 2.70 10.24 3.44
CA ILE A 23 2.37 10.78 4.75
C ILE A 23 3.61 11.38 5.39
N ASN A 24 3.52 12.66 5.72
CA ASN A 24 4.58 13.38 6.42
C ASN A 24 5.84 13.51 5.57
N GLY A 25 5.70 13.27 4.27
CA GLY A 25 6.82 13.42 3.37
C GLY A 25 7.46 12.09 2.98
N ARG A 26 6.87 10.99 3.42
CA ARG A 26 7.39 9.68 3.06
C ARG A 26 6.29 8.84 2.42
N ILE A 27 6.64 8.15 1.34
CA ILE A 27 5.66 7.40 0.57
C ILE A 27 5.58 5.94 1.01
N PHE A 28 4.39 5.52 1.38
CA PHE A 28 4.10 4.15 1.70
C PHE A 28 3.31 3.52 0.55
N SER A 29 3.56 2.25 0.29
CA SER A 29 2.91 1.56 -0.81
C SER A 29 1.45 1.25 -0.47
N LEU A 30 0.53 1.80 -1.24
CA LEU A 30 -0.88 1.57 -1.02
C LEU A 30 -1.32 0.30 -1.73
N CYS A 31 -1.46 -0.77 -0.98
CA CYS A 31 -1.86 -2.06 -1.53
C CYS A 31 -3.11 -2.57 -0.83
N CYS A 32 -3.90 -3.35 -1.53
CA CYS A 32 -5.14 -3.85 -1.00
C CYS A 32 -5.13 -5.37 -0.95
N ARG A 33 -5.17 -5.90 0.26
CA ARG A 33 -5.16 -7.33 0.49
C ARG A 33 -6.58 -7.84 0.65
N ARG A 1 -8.94 -5.86 -2.89
CA ARG A 1 -10.23 -5.22 -2.57
C ARG A 1 -10.97 -6.04 -1.53
N ARG A 2 -10.65 -5.78 -0.27
CA ARG A 2 -11.21 -6.51 0.87
C ARG A 2 -10.54 -6.00 2.14
N THR A 3 -9.22 -5.98 2.13
CA THR A 3 -8.45 -5.47 3.25
C THR A 3 -7.40 -4.49 2.73
N CYS A 4 -7.72 -3.21 2.76
CA CYS A 4 -6.90 -2.20 2.11
C CYS A 4 -6.19 -1.31 3.12
N ARG A 5 -4.90 -1.04 2.86
CA ARG A 5 -4.15 -0.04 3.61
C ARG A 5 -2.79 0.20 2.95
N CYS A 6 -2.28 1.40 3.11
CA CYS A 6 -1.00 1.78 2.56
C CYS A 6 0.15 1.25 3.43
N ARG A 7 1.10 0.57 2.81
CA ARG A 7 2.22 0.00 3.54
C ARG A 7 3.55 0.49 2.96
N PHE A 8 4.54 0.63 3.82
CA PHE A 8 5.84 1.14 3.41
C PHE A 8 6.59 0.10 2.58
N GLY A 9 7.44 0.59 1.68
CA GLY A 9 8.23 -0.28 0.84
C GLY A 9 7.39 -1.03 -0.18
N ARG A 10 7.89 -2.18 -0.63
CA ARG A 10 7.14 -3.04 -1.54
C ARG A 10 6.00 -3.73 -0.81
N CYS A 11 5.01 -4.18 -1.54
CA CYS A 11 3.91 -4.91 -0.97
C CYS A 11 4.11 -6.41 -1.18
N PHE A 12 3.32 -7.22 -0.50
CA PHE A 12 3.40 -8.66 -0.67
C PHE A 12 2.68 -9.04 -1.96
N ARG A 13 3.06 -10.17 -2.55
CA ARG A 13 2.55 -10.54 -3.87
C ARG A 13 1.04 -10.81 -3.86
N ARG A 14 0.47 -10.97 -2.67
CA ARG A 14 -0.98 -11.21 -2.56
C ARG A 14 -1.74 -9.89 -2.52
N GLU A 15 -1.02 -8.80 -2.30
CA GLU A 15 -1.65 -7.50 -2.11
C GLU A 15 -1.73 -6.75 -3.43
N SER A 16 -2.94 -6.41 -3.85
CA SER A 16 -3.15 -5.70 -5.10
C SER A 16 -2.73 -4.23 -4.95
N TYR A 17 -1.92 -3.76 -5.88
CA TYR A 17 -1.40 -2.40 -5.82
C TYR A 17 -2.50 -1.41 -6.20
N SER A 18 -3.01 -0.70 -5.21
CA SER A 18 -4.03 0.32 -5.43
C SER A 18 -3.39 1.63 -5.87
N GLY A 19 -2.48 2.13 -5.05
CA GLY A 19 -1.85 3.41 -5.31
C GLY A 19 -0.81 3.76 -4.26
N SER A 20 -0.82 4.98 -3.78
CA SER A 20 0.15 5.41 -2.78
C SER A 20 -0.50 6.31 -1.73
N CYS A 21 0.01 6.24 -0.51
CA CYS A 21 -0.44 7.12 0.56
C CYS A 21 0.72 7.94 1.09
N ASN A 22 0.55 9.25 1.15
CA ASN A 22 1.61 10.12 1.64
C ASN A 22 1.37 10.48 3.10
N ILE A 23 2.09 9.80 3.98
CA ILE A 23 1.97 10.05 5.42
C ILE A 23 3.36 10.24 6.02
N ASN A 24 3.52 11.28 6.83
CA ASN A 24 4.79 11.54 7.53
C ASN A 24 5.89 11.92 6.53
N GLY A 25 5.49 12.15 5.29
CA GLY A 25 6.45 12.43 4.24
C GLY A 25 6.99 11.16 3.63
N ARG A 26 6.36 10.04 3.99
CA ARG A 26 6.77 8.74 3.50
C ARG A 26 5.69 8.20 2.57
N ILE A 27 6.12 7.58 1.48
CA ILE A 27 5.19 7.07 0.50
C ILE A 27 4.86 5.61 0.79
N PHE A 28 3.71 5.40 1.40
CA PHE A 28 3.23 4.07 1.70
C PHE A 28 2.46 3.52 0.51
N SER A 29 2.97 2.46 -0.09
CA SER A 29 2.31 1.79 -1.19
C SER A 29 0.92 1.30 -0.75
N LEU A 30 -0.11 1.92 -1.28
CA LEU A 30 -1.47 1.52 -0.96
C LEU A 30 -1.79 0.20 -1.65
N CYS A 31 -1.77 -0.87 -0.89
CA CYS A 31 -2.05 -2.18 -1.43
C CYS A 31 -3.18 -2.84 -0.64
N CYS A 32 -4.10 -3.45 -1.35
CA CYS A 32 -5.26 -4.02 -0.73
C CYS A 32 -5.37 -5.50 -1.07
N ARG A 33 -5.59 -6.32 -0.05
CA ARG A 33 -5.82 -7.74 -0.25
C ARG A 33 -7.21 -7.93 -0.81
N ARG A 1 -8.64 -8.86 -1.95
CA ARG A 1 -9.01 -7.46 -1.63
C ARG A 1 -9.96 -7.43 -0.44
N ARG A 2 -9.41 -7.61 0.74
CA ARG A 2 -10.20 -7.59 1.97
C ARG A 2 -9.71 -6.51 2.92
N THR A 3 -8.40 -6.41 3.07
CA THR A 3 -7.82 -5.47 4.00
C THR A 3 -6.85 -4.55 3.30
N CYS A 4 -7.27 -3.33 3.05
CA CYS A 4 -6.45 -2.39 2.31
C CYS A 4 -5.74 -1.46 3.29
N ARG A 5 -4.45 -1.22 3.06
CA ARG A 5 -3.69 -0.26 3.84
C ARG A 5 -2.32 -0.08 3.20
N CYS A 6 -1.76 1.11 3.35
CA CYS A 6 -0.48 1.42 2.76
C CYS A 6 0.67 1.01 3.69
N ARG A 7 1.61 0.23 3.17
CA ARG A 7 2.78 -0.21 3.93
C ARG A 7 4.06 0.34 3.31
N PHE A 8 4.99 0.77 4.14
CA PHE A 8 6.24 1.34 3.66
C PHE A 8 7.21 0.24 3.21
N GLY A 9 7.47 0.19 1.92
CA GLY A 9 8.32 -0.84 1.37
C GLY A 9 7.62 -1.58 0.26
N ARG A 10 7.81 -2.89 0.22
CA ARG A 10 7.20 -3.71 -0.82
C ARG A 10 5.96 -4.42 -0.30
N CYS A 11 5.21 -5.02 -1.22
CA CYS A 11 4.00 -5.75 -0.86
C CYS A 11 4.06 -7.15 -1.45
N PHE A 12 3.09 -7.98 -1.12
CA PHE A 12 2.94 -9.29 -1.74
C PHE A 12 1.98 -9.19 -2.91
N ARG A 13 1.96 -10.19 -3.77
CA ARG A 13 1.09 -10.14 -4.95
C ARG A 13 -0.38 -10.36 -4.57
N ARG A 14 -0.61 -11.00 -3.42
CA ARG A 14 -1.97 -11.16 -2.91
C ARG A 14 -2.59 -9.80 -2.63
N GLU A 15 -1.79 -8.89 -2.11
CA GLU A 15 -2.24 -7.54 -1.83
C GLU A 15 -1.93 -6.64 -3.03
N SER A 16 -2.98 -6.18 -3.69
CA SER A 16 -2.83 -5.42 -4.92
C SER A 16 -2.44 -3.98 -4.64
N TYR A 17 -1.38 -3.53 -5.28
CA TYR A 17 -0.91 -2.15 -5.14
C TYR A 17 -1.91 -1.21 -5.80
N SER A 18 -2.67 -0.51 -4.99
CA SER A 18 -3.67 0.42 -5.47
C SER A 18 -3.05 1.77 -5.81
N GLY A 19 -2.15 2.24 -4.96
CA GLY A 19 -1.52 3.52 -5.16
C GLY A 19 -0.53 3.85 -4.07
N SER A 20 -0.30 5.14 -3.86
CA SER A 20 0.67 5.58 -2.87
C SER A 20 0.00 6.34 -1.73
N CYS A 21 0.63 6.32 -0.56
CA CYS A 21 0.06 6.94 0.63
C CYS A 21 1.08 7.79 1.38
N ASN A 22 0.87 9.09 1.41
CA ASN A 22 1.71 9.98 2.21
C ASN A 22 1.18 10.03 3.63
N ILE A 23 1.84 9.32 4.54
CA ILE A 23 1.37 9.24 5.92
C ILE A 23 2.50 9.48 6.90
N ASN A 24 2.45 10.65 7.54
CA ASN A 24 3.36 11.01 8.62
C ASN A 24 4.83 10.84 8.23
N GLY A 25 5.24 11.54 7.18
CA GLY A 25 6.65 11.59 6.82
C GLY A 25 7.10 10.41 5.97
N ARG A 26 6.24 9.40 5.82
CA ARG A 26 6.60 8.24 5.04
C ARG A 26 5.65 8.07 3.87
N ILE A 27 6.20 7.65 2.74
CA ILE A 27 5.38 7.37 1.58
C ILE A 27 5.15 5.86 1.45
N PHE A 28 3.99 5.44 1.90
CA PHE A 28 3.65 4.03 1.97
C PHE A 28 3.09 3.53 0.63
N SER A 29 3.15 2.21 0.44
CA SER A 29 2.56 1.58 -0.72
C SER A 29 1.18 1.04 -0.37
N LEU A 30 0.15 1.61 -0.98
CA LEU A 30 -1.23 1.19 -0.70
C LEU A 30 -1.51 -0.17 -1.32
N CYS A 31 -1.55 -1.18 -0.48
CA CYS A 31 -1.78 -2.54 -0.96
C CYS A 31 -2.92 -3.17 -0.17
N CYS A 32 -3.75 -3.96 -0.85
CA CYS A 32 -4.93 -4.52 -0.24
C CYS A 32 -5.01 -6.02 -0.49
N ARG A 33 -4.85 -6.80 0.57
CA ARG A 33 -4.94 -8.24 0.47
C ARG A 33 -6.36 -8.70 0.77
N ARG A 1 -8.59 -8.08 -1.33
CA ARG A 1 -8.80 -6.62 -1.43
C ARG A 1 -9.94 -6.19 -0.52
N ARG A 2 -9.66 -6.01 0.76
CA ARG A 2 -10.69 -5.60 1.71
C ARG A 2 -10.17 -4.52 2.66
N THR A 3 -8.85 -4.43 2.80
CA THR A 3 -8.24 -3.46 3.68
C THR A 3 -7.09 -2.77 2.98
N CYS A 4 -7.31 -1.53 2.56
CA CYS A 4 -6.32 -0.81 1.77
C CYS A 4 -5.54 0.16 2.65
N ARG A 5 -4.24 0.24 2.43
CA ARG A 5 -3.40 1.20 3.12
C ARG A 5 -2.01 1.27 2.48
N CYS A 6 -1.38 2.42 2.60
CA CYS A 6 -0.04 2.61 2.11
C CYS A 6 0.97 2.00 3.09
N ARG A 7 1.71 1.01 2.64
CA ARG A 7 2.65 0.31 3.50
C ARG A 7 4.09 0.57 3.06
N PHE A 8 5.02 0.32 3.97
CA PHE A 8 6.42 0.64 3.76
C PHE A 8 7.06 -0.25 2.70
N GLY A 9 7.38 0.35 1.55
CA GLY A 9 8.22 -0.32 0.56
C GLY A 9 7.50 -1.37 -0.26
N ARG A 10 7.84 -2.63 0.00
CA ARG A 10 7.41 -3.74 -0.85
C ARG A 10 6.09 -4.34 -0.40
N CYS A 11 5.19 -4.55 -1.35
CA CYS A 11 3.92 -5.22 -1.08
C CYS A 11 3.98 -6.65 -1.59
N PHE A 12 3.15 -7.52 -1.03
CA PHE A 12 3.08 -8.91 -1.45
C PHE A 12 2.34 -9.03 -2.79
N ARG A 13 2.48 -10.18 -3.44
CA ARG A 13 1.92 -10.40 -4.76
C ARG A 13 0.40 -10.32 -4.76
N ARG A 14 -0.23 -10.53 -3.60
CA ARG A 14 -1.67 -10.43 -3.48
C ARG A 14 -2.11 -9.10 -2.88
N GLU A 15 -1.18 -8.19 -2.68
CA GLU A 15 -1.53 -6.86 -2.22
C GLU A 15 -1.69 -5.94 -3.42
N SER A 16 -2.92 -5.48 -3.64
CA SER A 16 -3.23 -4.67 -4.81
C SER A 16 -2.64 -3.27 -4.67
N TYR A 17 -1.82 -2.89 -5.64
CA TYR A 17 -1.12 -1.61 -5.59
C TYR A 17 -2.04 -0.51 -6.11
N SER A 18 -2.52 0.31 -5.19
CA SER A 18 -3.37 1.44 -5.54
C SER A 18 -2.53 2.62 -5.97
N GLY A 19 -1.52 2.93 -5.17
CA GLY A 19 -0.68 4.09 -5.43
C GLY A 19 0.39 4.23 -4.38
N SER A 20 0.62 5.45 -3.92
CA SER A 20 1.64 5.71 -2.92
C SER A 20 1.22 6.88 -2.03
N CYS A 21 1.54 6.78 -0.75
CA CYS A 21 1.20 7.83 0.20
C CYS A 21 2.45 8.41 0.82
N ASN A 22 2.73 9.67 0.55
CA ASN A 22 3.84 10.35 1.21
C ASN A 22 3.37 10.92 2.54
N ILE A 23 3.65 10.19 3.61
CA ILE A 23 3.17 10.56 4.93
C ILE A 23 4.32 10.98 5.82
N ASN A 24 4.33 12.26 6.19
CA ASN A 24 5.31 12.81 7.12
C ASN A 24 6.73 12.64 6.61
N GLY A 25 6.89 12.66 5.30
CA GLY A 25 8.20 12.55 4.71
C GLY A 25 8.49 11.18 4.15
N ARG A 26 7.77 10.18 4.62
CA ARG A 26 8.00 8.81 4.17
C ARG A 26 6.90 8.38 3.22
N ILE A 27 7.29 7.90 2.05
CA ILE A 27 6.34 7.46 1.08
C ILE A 27 6.09 5.96 1.19
N PHE A 28 4.83 5.60 1.38
CA PHE A 28 4.45 4.20 1.52
C PHE A 28 3.62 3.76 0.32
N SER A 29 3.88 2.55 -0.16
CA SER A 29 3.14 2.00 -1.28
C SER A 29 1.73 1.61 -0.85
N LEU A 30 0.72 2.26 -1.42
CA LEU A 30 -0.66 1.99 -1.06
C LEU A 30 -1.09 0.65 -1.65
N CYS A 31 -1.28 -0.34 -0.80
CA CYS A 31 -1.68 -1.65 -1.23
C CYS A 31 -2.85 -2.16 -0.41
N CYS A 32 -3.82 -2.77 -1.08
CA CYS A 32 -5.03 -3.23 -0.43
C CYS A 32 -5.04 -4.75 -0.32
N ARG A 33 -5.23 -5.24 0.90
CA ARG A 33 -5.23 -6.67 1.17
C ARG A 33 -6.65 -7.16 1.37
N ARG A 1 -8.74 -8.66 -2.44
CA ARG A 1 -9.27 -7.28 -2.53
C ARG A 1 -10.30 -7.04 -1.43
N ARG A 2 -9.99 -7.55 -0.24
CA ARG A 2 -10.88 -7.39 0.90
C ARG A 2 -10.67 -6.02 1.56
N THR A 3 -9.43 -5.69 1.85
CA THR A 3 -9.13 -4.45 2.53
C THR A 3 -7.98 -3.74 1.85
N CYS A 4 -8.25 -2.53 1.35
CA CYS A 4 -7.24 -1.78 0.66
C CYS A 4 -6.61 -0.79 1.63
N ARG A 5 -5.29 -0.66 1.59
CA ARG A 5 -4.60 0.19 2.54
C ARG A 5 -3.22 0.55 2.03
N CYS A 6 -2.76 1.72 2.44
CA CYS A 6 -1.43 2.16 2.17
C CYS A 6 -0.43 1.51 3.14
N ARG A 7 0.54 0.78 2.59
CA ARG A 7 1.57 0.17 3.40
C ARG A 7 2.95 0.53 2.88
N PHE A 8 3.93 0.53 3.78
CA PHE A 8 5.29 0.92 3.41
C PHE A 8 6.11 -0.31 3.06
N GLY A 9 7.20 -0.09 2.34
CA GLY A 9 8.10 -1.16 1.99
C GLY A 9 7.58 -2.00 0.85
N ARG A 10 7.33 -3.27 1.11
CA ARG A 10 6.86 -4.19 0.10
C ARG A 10 5.43 -4.62 0.38
N CYS A 11 4.66 -4.84 -0.67
CA CYS A 11 3.34 -5.45 -0.54
C CYS A 11 3.43 -6.94 -0.91
N PHE A 12 2.40 -7.69 -0.61
CA PHE A 12 2.32 -9.07 -1.05
C PHE A 12 1.77 -9.12 -2.46
N ARG A 13 2.16 -10.13 -3.23
CA ARG A 13 1.72 -10.25 -4.62
C ARG A 13 0.20 -10.44 -4.70
N ARG A 14 -0.41 -10.83 -3.59
CA ARG A 14 -1.85 -11.05 -3.55
C ARG A 14 -2.58 -9.77 -3.21
N GLU A 15 -1.85 -8.72 -2.87
CA GLU A 15 -2.45 -7.43 -2.57
C GLU A 15 -2.53 -6.59 -3.84
N SER A 16 -3.75 -6.32 -4.27
CA SER A 16 -3.95 -5.55 -5.49
C SER A 16 -3.51 -4.10 -5.29
N TYR A 17 -2.54 -3.67 -6.08
CA TYR A 17 -2.00 -2.32 -5.97
C TYR A 17 -2.93 -1.32 -6.65
N SER A 18 -3.63 -0.54 -5.84
CA SER A 18 -4.53 0.48 -6.35
C SER A 18 -3.77 1.77 -6.67
N GLY A 19 -2.98 2.23 -5.72
CA GLY A 19 -2.28 3.49 -5.88
C GLY A 19 -1.27 3.72 -4.79
N SER A 20 -1.23 4.93 -4.26
CA SER A 20 -0.25 5.29 -3.25
C SER A 20 -0.76 6.40 -2.34
N CYS A 21 -0.57 6.24 -1.05
CA CYS A 21 -0.95 7.26 -0.09
C CYS A 21 0.27 8.05 0.36
N ASN A 22 0.07 9.28 0.79
CA ASN A 22 1.16 10.06 1.34
C ASN A 22 0.76 10.61 2.70
N ILE A 23 1.31 10.03 3.75
CA ILE A 23 0.98 10.43 5.10
C ILE A 23 2.09 11.30 5.68
N ASN A 24 1.88 12.62 5.60
CA ASN A 24 2.77 13.60 6.22
C ASN A 24 4.20 13.48 5.69
N GLY A 25 4.32 13.23 4.39
CA GLY A 25 5.63 13.22 3.78
C GLY A 25 6.09 11.84 3.35
N ARG A 26 5.49 10.80 3.93
CA ARG A 26 5.88 9.44 3.62
C ARG A 26 4.87 8.80 2.67
N ILE A 27 5.36 8.09 1.68
CA ILE A 27 4.49 7.49 0.70
C ILE A 27 4.34 6.00 0.95
N PHE A 28 3.11 5.55 1.08
CA PHE A 28 2.80 4.16 1.33
C PHE A 28 2.00 3.61 0.15
N SER A 29 2.47 2.51 -0.44
CA SER A 29 1.79 1.92 -1.58
C SER A 29 0.43 1.37 -1.16
N LEU A 30 -0.61 1.76 -1.87
CA LEU A 30 -1.96 1.35 -1.54
C LEU A 30 -2.23 -0.03 -2.13
N CYS A 31 -2.11 -1.04 -1.30
CA CYS A 31 -2.31 -2.41 -1.72
C CYS A 31 -3.52 -3.00 -1.00
N CYS A 32 -4.30 -3.79 -1.71
CA CYS A 32 -5.58 -4.26 -1.21
C CYS A 32 -5.60 -5.77 -1.11
N ARG A 33 -5.49 -6.29 0.10
CA ARG A 33 -5.56 -7.72 0.34
C ARG A 33 -7.00 -8.15 0.57
N ARG A 1 -8.45 -8.46 -2.71
CA ARG A 1 -8.77 -7.08 -2.30
C ARG A 1 -9.91 -7.07 -1.29
N ARG A 2 -9.56 -6.89 -0.03
CA ARG A 2 -10.54 -6.73 1.03
C ARG A 2 -10.05 -5.72 2.06
N THR A 3 -8.74 -5.53 2.09
CA THR A 3 -8.14 -4.56 2.99
C THR A 3 -7.11 -3.74 2.24
N CYS A 4 -7.50 -2.56 1.80
CA CYS A 4 -6.62 -1.73 1.01
C CYS A 4 -5.98 -0.66 1.90
N ARG A 5 -4.69 -0.43 1.71
CA ARG A 5 -3.99 0.66 2.36
C ARG A 5 -2.59 0.80 1.80
N CYS A 6 -2.03 1.98 1.92
CA CYS A 6 -0.66 2.23 1.53
C CYS A 6 0.30 1.71 2.61
N ARG A 7 1.17 0.79 2.23
CA ARG A 7 2.14 0.19 3.15
C ARG A 7 3.56 0.46 2.68
N PHE A 8 4.51 0.49 3.60
CA PHE A 8 5.88 0.77 3.23
C PHE A 8 6.60 -0.51 2.80
N GLY A 9 7.28 -0.43 1.66
CA GLY A 9 7.98 -1.58 1.15
C GLY A 9 7.38 -2.11 -0.14
N ARG A 10 7.04 -3.38 -0.13
CA ARG A 10 6.49 -4.04 -1.30
C ARG A 10 5.03 -4.42 -1.07
N CYS A 11 4.33 -4.75 -2.15
CA CYS A 11 3.01 -5.33 -2.04
C CYS A 11 3.13 -6.83 -2.22
N PHE A 12 2.57 -7.61 -1.32
CA PHE A 12 2.65 -9.06 -1.41
C PHE A 12 1.80 -9.58 -2.56
N ARG A 13 2.02 -10.83 -2.91
CA ARG A 13 1.34 -11.45 -4.06
C ARG A 13 -0.18 -11.43 -3.93
N ARG A 14 -0.67 -11.38 -2.69
CA ARG A 14 -2.12 -11.34 -2.48
C ARG A 14 -2.60 -9.90 -2.35
N GLU A 15 -1.68 -8.95 -2.42
CA GLU A 15 -2.02 -7.54 -2.31
C GLU A 15 -1.92 -6.86 -3.67
N SER A 16 -3.04 -6.34 -4.14
CA SER A 16 -3.08 -5.65 -5.42
C SER A 16 -2.49 -4.26 -5.31
N TYR A 17 -1.66 -3.88 -6.26
CA TYR A 17 -1.02 -2.58 -6.25
C TYR A 17 -1.93 -1.54 -6.91
N SER A 18 -2.53 -0.69 -6.09
CA SER A 18 -3.38 0.38 -6.58
C SER A 18 -2.55 1.59 -6.96
N GLY A 19 -1.62 1.96 -6.08
CA GLY A 19 -0.81 3.13 -6.29
C GLY A 19 0.16 3.37 -5.16
N SER A 20 0.18 4.59 -4.64
CA SER A 20 1.11 4.95 -3.58
C SER A 20 0.54 6.08 -2.72
N CYS A 21 1.08 6.24 -1.52
CA CYS A 21 0.66 7.30 -0.61
C CYS A 21 1.86 7.92 0.09
N ASN A 22 2.09 9.21 -0.15
CA ASN A 22 3.14 9.93 0.58
C ASN A 22 2.55 10.48 1.86
N ILE A 23 2.84 9.84 2.98
CA ILE A 23 2.24 10.21 4.25
C ILE A 23 3.33 10.44 5.31
N ASN A 24 3.46 11.69 5.73
CA ASN A 24 4.36 12.07 6.81
C ASN A 24 5.81 11.69 6.51
N GLY A 25 6.30 12.17 5.36
CA GLY A 25 7.69 11.97 4.99
C GLY A 25 8.02 10.55 4.60
N ARG A 26 6.99 9.74 4.38
CA ARG A 26 7.17 8.35 4.01
C ARG A 26 6.28 7.98 2.83
N ILE A 27 6.88 7.40 1.81
CA ILE A 27 6.13 7.00 0.64
C ILE A 27 5.75 5.52 0.73
N PHE A 28 4.47 5.28 0.89
CA PHE A 28 3.95 3.93 1.00
C PHE A 28 3.36 3.50 -0.33
N SER A 29 3.37 2.20 -0.61
CA SER A 29 2.71 1.67 -1.78
C SER A 29 1.30 1.23 -1.41
N LEU A 30 0.32 1.65 -2.19
CA LEU A 30 -1.06 1.32 -1.89
C LEU A 30 -1.38 -0.09 -2.37
N CYS A 31 -1.42 -1.02 -1.43
CA CYS A 31 -1.68 -2.41 -1.75
C CYS A 31 -2.97 -2.84 -1.07
N CYS A 32 -3.83 -3.55 -1.80
CA CYS A 32 -5.07 -4.02 -1.25
C CYS A 32 -5.11 -5.55 -1.27
N ARG A 33 -4.94 -6.13 -0.10
CA ARG A 33 -5.00 -7.58 0.07
C ARG A 33 -6.45 -8.03 0.20
N ARG A 1 -8.45 -7.73 -1.79
CA ARG A 1 -8.96 -6.37 -1.50
C ARG A 1 -10.10 -6.44 -0.48
N ARG A 2 -9.73 -6.53 0.78
CA ARG A 2 -10.70 -6.52 1.88
C ARG A 2 -10.35 -5.40 2.86
N THR A 3 -9.07 -5.03 2.91
CA THR A 3 -8.61 -3.95 3.78
C THR A 3 -7.44 -3.22 3.13
N CYS A 4 -7.63 -1.93 2.88
CA CYS A 4 -6.65 -1.15 2.14
C CYS A 4 -5.76 -0.36 3.09
N ARG A 5 -4.46 -0.31 2.81
CA ARG A 5 -3.54 0.50 3.59
C ARG A 5 -2.21 0.66 2.87
N CYS A 6 -1.54 1.78 3.11
CA CYS A 6 -0.20 2.01 2.62
C CYS A 6 0.82 1.29 3.50
N ARG A 7 1.72 0.54 2.88
CA ARG A 7 2.79 -0.15 3.60
C ARG A 7 4.13 0.08 2.93
N PHE A 8 5.17 0.28 3.74
CA PHE A 8 6.50 0.56 3.22
C PHE A 8 7.06 -0.63 2.46
N GLY A 9 7.95 -0.36 1.53
CA GLY A 9 8.50 -1.41 0.69
C GLY A 9 7.48 -1.88 -0.33
N ARG A 10 7.46 -3.16 -0.60
CA ARG A 10 6.44 -3.73 -1.46
C ARG A 10 5.49 -4.60 -0.66
N CYS A 11 4.32 -4.84 -1.22
CA CYS A 11 3.32 -5.66 -0.57
C CYS A 11 3.37 -7.08 -1.12
N PHE A 12 2.48 -7.94 -0.62
CA PHE A 12 2.43 -9.32 -1.09
C PHE A 12 1.75 -9.37 -2.44
N ARG A 13 2.07 -10.39 -3.24
CA ARG A 13 1.52 -10.49 -4.58
C ARG A 13 0.08 -11.00 -4.55
N ARG A 14 -0.43 -11.21 -3.34
CA ARG A 14 -1.82 -11.60 -3.15
C ARG A 14 -2.65 -10.40 -2.73
N GLU A 15 -1.99 -9.26 -2.56
CA GLU A 15 -2.66 -8.03 -2.15
C GLU A 15 -2.87 -7.14 -3.36
N SER A 16 -4.00 -6.43 -3.39
CA SER A 16 -4.35 -5.63 -4.55
C SER A 16 -3.70 -4.24 -4.47
N TYR A 17 -2.86 -3.92 -5.44
CA TYR A 17 -2.16 -2.64 -5.45
C TYR A 17 -3.14 -1.52 -5.80
N SER A 18 -3.50 -0.73 -4.80
CA SER A 18 -4.44 0.36 -4.99
C SER A 18 -3.74 1.62 -5.49
N GLY A 19 -2.59 1.93 -4.90
CA GLY A 19 -1.86 3.12 -5.29
C GLY A 19 -0.60 3.30 -4.47
N SER A 20 -0.21 4.54 -4.25
CA SER A 20 0.98 4.84 -3.46
C SER A 20 0.68 5.96 -2.46
N CYS A 21 1.10 5.76 -1.22
CA CYS A 21 0.96 6.78 -0.19
C CYS A 21 2.28 7.44 0.13
N ASN A 22 2.26 8.75 0.35
CA ASN A 22 3.45 9.45 0.82
C ASN A 22 3.14 10.09 2.17
N ILE A 23 3.60 9.46 3.23
CA ILE A 23 3.28 9.91 4.57
C ILE A 23 4.56 10.20 5.34
N ASN A 24 4.67 11.43 5.85
CA ASN A 24 5.83 11.85 6.63
C ASN A 24 7.09 11.85 5.78
N GLY A 25 6.93 12.03 4.48
CA GLY A 25 8.06 12.00 3.57
C GLY A 25 8.53 10.60 3.28
N ARG A 26 7.71 9.63 3.65
CA ARG A 26 8.06 8.24 3.46
C ARG A 26 7.02 7.58 2.56
N ILE A 27 7.49 6.93 1.51
CA ILE A 27 6.60 6.28 0.58
C ILE A 27 6.13 4.93 1.12
N PHE A 28 4.82 4.72 1.09
CA PHE A 28 4.24 3.47 1.49
C PHE A 28 3.31 2.98 0.39
N SER A 29 3.65 1.86 -0.24
CA SER A 29 2.82 1.28 -1.29
C SER A 29 1.42 0.98 -0.74
N LEU A 30 0.41 1.56 -1.38
CA LEU A 30 -0.96 1.36 -0.92
C LEU A 30 -1.50 0.08 -1.53
N CYS A 31 -1.48 -0.99 -0.76
CA CYS A 31 -1.97 -2.27 -1.23
C CYS A 31 -3.13 -2.70 -0.36
N CYS A 32 -4.26 -2.96 -1.00
CA CYS A 32 -5.45 -3.37 -0.31
C CYS A 32 -5.49 -4.89 -0.23
N ARG A 33 -5.19 -5.39 0.96
CA ARG A 33 -5.09 -6.83 1.20
C ARG A 33 -6.42 -7.50 0.87
N ARG A 1 -8.81 -8.56 -2.94
CA ARG A 1 -9.31 -7.21 -2.59
C ARG A 1 -10.34 -7.31 -1.46
N ARG A 2 -9.86 -7.24 -0.22
CA ARG A 2 -10.75 -7.28 0.93
C ARG A 2 -10.30 -6.27 1.98
N THR A 3 -9.00 -6.24 2.25
CA THR A 3 -8.45 -5.35 3.25
C THR A 3 -7.49 -4.37 2.60
N CYS A 4 -7.88 -3.11 2.51
CA CYS A 4 -7.10 -2.14 1.78
C CYS A 4 -6.51 -1.08 2.71
N ARG A 5 -5.25 -0.73 2.48
CA ARG A 5 -4.60 0.36 3.21
C ARG A 5 -3.23 0.66 2.59
N CYS A 6 -2.75 1.87 2.81
CA CYS A 6 -1.41 2.23 2.42
C CYS A 6 -0.40 1.69 3.43
N ARG A 7 0.59 0.95 2.93
CA ARG A 7 1.59 0.33 3.80
C ARG A 7 2.98 0.81 3.45
N PHE A 8 3.83 0.91 4.46
CA PHE A 8 5.20 1.42 4.28
C PHE A 8 6.00 0.53 3.33
N GLY A 9 6.65 1.15 2.37
CA GLY A 9 7.47 0.42 1.44
C GLY A 9 6.67 -0.18 0.30
N ARG A 10 6.87 -1.46 0.05
CA ARG A 10 6.18 -2.15 -1.04
C ARG A 10 5.18 -3.16 -0.47
N CYS A 11 4.37 -3.73 -1.35
CA CYS A 11 3.35 -4.68 -0.94
C CYS A 11 3.71 -6.09 -1.42
N PHE A 12 2.87 -7.07 -1.09
CA PHE A 12 3.08 -8.44 -1.50
C PHE A 12 2.35 -8.72 -2.81
N ARG A 13 2.68 -9.83 -3.45
CA ARG A 13 2.16 -10.14 -4.78
C ARG A 13 0.74 -10.72 -4.70
N ARG A 14 0.17 -10.74 -3.50
CA ARG A 14 -1.21 -11.18 -3.33
C ARG A 14 -2.12 -9.97 -3.19
N GLU A 15 -1.51 -8.79 -3.17
CA GLU A 15 -2.24 -7.55 -2.99
C GLU A 15 -2.33 -6.81 -4.32
N SER A 16 -3.38 -6.04 -4.50
CA SER A 16 -3.52 -5.19 -5.65
C SER A 16 -3.13 -3.77 -5.31
N TYR A 17 -2.39 -3.13 -6.19
CA TYR A 17 -1.90 -1.79 -5.95
C TYR A 17 -3.00 -0.78 -6.28
N SER A 18 -3.56 -0.18 -5.25
CA SER A 18 -4.61 0.81 -5.43
C SER A 18 -4.01 2.17 -5.77
N GLY A 19 -3.02 2.59 -4.98
CA GLY A 19 -2.39 3.88 -5.20
C GLY A 19 -1.27 4.14 -4.22
N SER A 20 -1.06 5.39 -3.86
CA SER A 20 0.01 5.74 -2.93
C SER A 20 -0.49 6.71 -1.85
N CYS A 21 0.00 6.53 -0.63
CA CYS A 21 -0.31 7.42 0.47
C CYS A 21 0.96 7.97 1.10
N ASN A 22 1.22 9.24 0.91
CA ASN A 22 2.40 9.87 1.50
C ASN A 22 2.02 10.59 2.78
N ILE A 23 2.30 9.96 3.91
CA ILE A 23 1.93 10.49 5.21
C ILE A 23 3.14 10.45 6.15
N ASN A 24 3.32 11.50 6.94
CA ASN A 24 4.39 11.56 7.94
C ASN A 24 5.76 11.62 7.26
N GLY A 25 5.74 11.83 5.95
CA GLY A 25 6.97 11.88 5.19
C GLY A 25 7.41 10.50 4.74
N ARG A 26 6.53 9.52 4.92
CA ARG A 26 6.83 8.15 4.52
C ARG A 26 5.84 7.71 3.47
N ILE A 27 6.33 7.10 2.41
CA ILE A 27 5.47 6.68 1.33
C ILE A 27 4.85 5.30 1.63
N PHE A 28 3.55 5.31 1.88
CA PHE A 28 2.81 4.10 2.12
C PHE A 28 2.07 3.70 0.86
N SER A 29 2.47 2.59 0.26
CA SER A 29 1.81 2.09 -0.94
C SER A 29 0.43 1.58 -0.60
N LEU A 30 -0.58 2.19 -1.21
CA LEU A 30 -1.96 1.81 -0.97
C LEU A 30 -2.28 0.52 -1.71
N CYS A 31 -2.40 -0.57 -0.97
CA CYS A 31 -2.68 -1.87 -1.55
C CYS A 31 -3.85 -2.53 -0.83
N CYS A 32 -4.43 -3.54 -1.44
CA CYS A 32 -5.55 -4.22 -0.87
C CYS A 32 -5.48 -5.71 -1.17
N ARG A 33 -5.51 -6.53 -0.13
CA ARG A 33 -5.50 -7.98 -0.31
C ARG A 33 -6.88 -8.53 -0.02
N ARG A 1 -8.43 -8.36 -2.28
CA ARG A 1 -8.63 -6.90 -2.30
C ARG A 1 -9.85 -6.51 -1.49
N ARG A 2 -9.66 -6.50 -0.16
CA ARG A 2 -10.70 -6.09 0.77
C ARG A 2 -10.10 -5.29 1.92
N THR A 3 -8.86 -5.60 2.27
CA THR A 3 -8.17 -4.89 3.35
C THR A 3 -7.10 -3.99 2.75
N CYS A 4 -7.47 -2.76 2.44
CA CYS A 4 -6.59 -1.87 1.71
C CYS A 4 -5.97 -0.81 2.63
N ARG A 5 -4.69 -0.56 2.42
CA ARG A 5 -3.99 0.56 3.05
C ARG A 5 -2.60 0.71 2.46
N CYS A 6 -2.06 1.91 2.53
CA CYS A 6 -0.76 2.21 1.98
C CYS A 6 0.35 1.69 2.90
N ARG A 7 1.30 0.95 2.32
CA ARG A 7 2.35 0.31 3.11
C ARG A 7 3.73 0.85 2.75
N PHE A 8 4.62 0.83 3.71
CA PHE A 8 5.98 1.32 3.51
C PHE A 8 6.88 0.23 2.96
N GLY A 9 7.69 0.57 1.98
CA GLY A 9 8.64 -0.37 1.44
C GLY A 9 8.03 -1.29 0.40
N ARG A 10 7.68 -2.49 0.84
CA ARG A 10 7.16 -3.51 -0.05
C ARG A 10 5.69 -3.80 0.23
N CYS A 11 5.03 -4.41 -0.73
CA CYS A 11 3.70 -4.97 -0.53
C CYS A 11 3.73 -6.45 -0.84
N PHE A 12 2.65 -7.13 -0.56
CA PHE A 12 2.56 -8.54 -0.89
C PHE A 12 2.08 -8.68 -2.34
N ARG A 13 2.55 -9.72 -3.03
CA ARG A 13 2.25 -9.89 -4.45
C ARG A 13 0.80 -10.32 -4.68
N ARG A 14 0.07 -10.53 -3.59
CA ARG A 14 -1.35 -10.84 -3.67
C ARG A 14 -2.19 -9.58 -3.47
N GLU A 15 -1.52 -8.49 -3.11
CA GLU A 15 -2.21 -7.24 -2.88
C GLU A 15 -2.46 -6.51 -4.18
N SER A 16 -3.67 -6.00 -4.34
CA SER A 16 -4.00 -5.21 -5.51
C SER A 16 -3.49 -3.78 -5.33
N TYR A 17 -2.86 -3.25 -6.36
CA TYR A 17 -2.24 -1.94 -6.26
C TYR A 17 -3.25 -0.85 -6.62
N SER A 18 -3.71 -0.13 -5.60
CA SER A 18 -4.67 0.94 -5.80
C SER A 18 -3.97 2.23 -6.22
N GLY A 19 -2.95 2.61 -5.47
CA GLY A 19 -2.25 3.86 -5.72
C GLY A 19 -1.11 4.08 -4.74
N SER A 20 -1.04 5.26 -4.15
CA SER A 20 0.04 5.60 -3.24
C SER A 20 -0.39 6.65 -2.21
N CYS A 21 0.17 6.55 -1.01
CA CYS A 21 -0.09 7.53 0.03
C CYS A 21 1.21 8.18 0.49
N ASN A 22 1.40 9.43 0.15
CA ASN A 22 2.56 10.17 0.63
C ASN A 22 2.28 10.70 2.03
N ILE A 23 2.86 10.04 3.02
CA ILE A 23 2.60 10.40 4.40
C ILE A 23 3.85 10.95 5.06
N ASN A 24 3.82 12.25 5.35
CA ASN A 24 4.91 12.92 6.08
C ASN A 24 6.22 12.90 5.31
N GLY A 25 6.13 12.75 3.99
CA GLY A 25 7.32 12.77 3.15
C GLY A 25 7.72 11.39 2.67
N ARG A 26 7.04 10.36 3.14
CA ARG A 26 7.34 9.00 2.75
C ARG A 26 6.16 8.40 2.01
N ILE A 27 6.45 7.76 0.89
CA ILE A 27 5.40 7.24 0.03
C ILE A 27 5.09 5.78 0.38
N PHE A 28 3.91 5.58 0.94
CA PHE A 28 3.41 4.26 1.23
C PHE A 28 2.58 3.76 0.06
N SER A 29 2.98 2.66 -0.56
CA SER A 29 2.25 2.11 -1.69
C SER A 29 0.88 1.58 -1.24
N LEU A 30 -0.19 2.11 -1.83
CA LEU A 30 -1.53 1.74 -1.45
C LEU A 30 -1.89 0.37 -2.00
N CYS A 31 -1.77 -0.64 -1.15
CA CYS A 31 -2.02 -2.01 -1.54
C CYS A 31 -3.17 -2.59 -0.73
N CYS A 32 -3.69 -3.75 -1.12
CA CYS A 32 -4.90 -4.26 -0.52
C CYS A 32 -4.96 -5.78 -0.57
N ARG A 33 -5.05 -6.42 0.59
CA ARG A 33 -5.18 -7.87 0.69
C ARG A 33 -6.61 -8.28 0.33
N ARG A 1 -10.13 -7.02 -3.26
CA ARG A 1 -10.21 -5.84 -2.38
C ARG A 1 -10.99 -6.18 -1.11
N ARG A 2 -10.48 -5.70 0.02
CA ARG A 2 -11.11 -5.94 1.31
C ARG A 2 -10.40 -5.12 2.37
N THR A 3 -9.10 -5.28 2.46
CA THR A 3 -8.31 -4.54 3.43
C THR A 3 -7.28 -3.70 2.71
N CYS A 4 -7.56 -2.42 2.57
CA CYS A 4 -6.70 -1.54 1.79
C CYS A 4 -6.02 -0.53 2.70
N ARG A 5 -4.72 -0.32 2.49
CA ARG A 5 -3.98 0.74 3.16
C ARG A 5 -2.58 0.85 2.57
N CYS A 6 -1.97 2.01 2.75
CA CYS A 6 -0.60 2.22 2.35
C CYS A 6 0.37 1.60 3.37
N ARG A 7 1.27 0.74 2.90
CA ARG A 7 2.16 0.01 3.80
C ARG A 7 3.61 0.47 3.68
N PHE A 8 4.31 0.52 4.80
CA PHE A 8 5.72 0.91 4.78
C PHE A 8 6.59 -0.27 4.38
N GLY A 9 7.02 -0.27 3.12
CA GLY A 9 7.85 -1.34 2.63
C GLY A 9 7.36 -1.83 1.29
N ARG A 10 7.38 -3.14 1.07
CA ARG A 10 6.86 -3.72 -0.14
C ARG A 10 5.60 -4.54 0.16
N CYS A 11 4.73 -4.68 -0.82
CA CYS A 11 3.49 -5.42 -0.63
C CYS A 11 3.64 -6.85 -1.16
N PHE A 12 2.72 -7.71 -0.74
CA PHE A 12 2.76 -9.10 -1.16
C PHE A 12 2.06 -9.26 -2.51
N ARG A 13 2.28 -10.40 -3.15
CA ARG A 13 1.70 -10.67 -4.47
C ARG A 13 0.18 -10.79 -4.39
N ARG A 14 -0.31 -11.24 -3.25
CA ARG A 14 -1.74 -11.49 -3.08
C ARG A 14 -2.56 -10.20 -2.94
N GLU A 15 -1.89 -9.06 -3.05
CA GLU A 15 -2.59 -7.78 -2.98
C GLU A 15 -2.16 -6.89 -4.13
N SER A 16 -3.11 -6.17 -4.71
CA SER A 16 -2.84 -5.34 -5.87
C SER A 16 -2.25 -4.00 -5.44
N TYR A 17 -1.31 -3.51 -6.23
CA TYR A 17 -0.68 -2.23 -5.96
C TYR A 17 -1.54 -1.10 -6.49
N SER A 18 -2.18 -0.37 -5.58
CA SER A 18 -3.05 0.72 -5.96
C SER A 18 -2.23 1.98 -6.23
N GLY A 19 -1.31 2.28 -5.32
CA GLY A 19 -0.50 3.48 -5.44
C GLY A 19 0.47 3.62 -4.29
N SER A 20 0.66 4.84 -3.82
CA SER A 20 1.57 5.09 -2.73
C SER A 20 1.13 6.31 -1.92
N CYS A 21 1.14 6.17 -0.61
CA CYS A 21 0.82 7.27 0.29
C CYS A 21 2.09 7.89 0.82
N ASN A 22 2.25 9.19 0.62
CA ASN A 22 3.42 9.88 1.13
C ASN A 22 3.09 10.57 2.44
N ILE A 23 3.18 9.82 3.52
CA ILE A 23 2.80 10.31 4.83
C ILE A 23 4.02 10.73 5.64
N ASN A 24 4.06 11.99 6.03
CA ASN A 24 5.11 12.51 6.92
C ASN A 24 6.48 12.45 6.25
N GLY A 25 6.47 12.39 4.92
CA GLY A 25 7.72 12.31 4.18
C GLY A 25 8.20 10.89 4.03
N ARG A 26 7.29 9.95 4.22
CA ARG A 26 7.61 8.53 4.07
C ARG A 26 6.69 7.91 3.04
N ILE A 27 7.16 6.89 2.33
CA ILE A 27 6.36 6.26 1.30
C ILE A 27 5.74 4.94 1.79
N PHE A 28 4.43 4.94 1.87
CA PHE A 28 3.68 3.74 2.20
C PHE A 28 2.94 3.27 0.95
N SER A 29 3.28 2.09 0.46
CA SER A 29 2.67 1.57 -0.77
C SER A 29 1.20 1.21 -0.53
N LEU A 30 0.31 1.92 -1.23
CA LEU A 30 -1.12 1.68 -1.09
C LEU A 30 -1.51 0.38 -1.76
N CYS A 31 -1.83 -0.61 -0.94
CA CYS A 31 -2.17 -1.93 -1.44
C CYS A 31 -3.43 -2.44 -0.77
N CYS A 32 -4.08 -3.42 -1.37
CA CYS A 32 -5.32 -3.95 -0.86
C CYS A 32 -5.54 -5.36 -1.38
N ARG A 33 -6.09 -6.22 -0.54
CA ARG A 33 -6.38 -7.58 -0.94
C ARG A 33 -7.84 -7.89 -0.64
#